data_4RZD
#
_entry.id   4RZD
#
_cell.length_a   84.083
_cell.length_b   84.083
_cell.length_c   278.365
_cell.angle_alpha   90.00
_cell.angle_beta   90.00
_cell.angle_gamma   120.00
#
_symmetry.space_group_name_H-M   'P 65 2 2'
#
loop_
_entity.id
_entity.type
_entity.pdbx_description
1 polymer 'PreQ1-III Riboswitch (Class 3)'
2 non-polymer 7-DEAZA-7-AMINOMETHYL-GUANINE
3 water water
#
_entity_poly.entity_id   1
_entity_poly.type   'polyribonucleotide'
_entity_poly.pdbx_seq_one_letter_code
;(GTP)AGCAACUUAGGAUUUUAGGCUCCCCGGCGUGUCUCGAACCAUGCCGGGCCAAACCCAUAGGGCUGGCGGUCCCUG
UGCGGUCAAAAUUCAUCCGCCGGAG
;
_entity_poly.pdbx_strand_id   A
#
loop_
_chem_comp.id
_chem_comp.type
_chem_comp.name
_chem_comp.formula
A RNA linking ADENOSINE-5'-MONOPHOSPHATE 'C10 H14 N5 O7 P'
C RNA linking CYTIDINE-5'-MONOPHOSPHATE 'C9 H14 N3 O8 P'
G RNA linking GUANOSINE-5'-MONOPHOSPHATE 'C10 H14 N5 O8 P'
GTP non-polymer GUANOSINE-5'-TRIPHOSPHATE 'C10 H16 N5 O14 P3'
PRF non-polymer 7-DEAZA-7-AMINOMETHYL-GUANINE 'C7 H9 N5 O'
U RNA linking URIDINE-5'-MONOPHOSPHATE 'C9 H13 N2 O9 P'
#
# COMPACT_ATOMS: atom_id res chain seq x y z
PG GTP A 1 6.40 -10.07 2.70
O1G GTP A 1 7.08 -8.73 2.79
O2G GTP A 1 7.42 -11.12 2.27
O3G GTP A 1 5.28 -10.02 1.69
O3B GTP A 1 5.82 -10.46 4.15
PB GTP A 1 4.67 -9.56 4.84
O1B GTP A 1 4.33 -10.13 6.18
O2B GTP A 1 5.13 -8.12 4.97
O3A GTP A 1 3.41 -9.68 3.84
PA GTP A 1 2.55 -8.36 3.50
O1A GTP A 1 1.39 -8.72 2.60
O2A GTP A 1 2.10 -7.65 4.74
O5' GTP A 1 3.64 -7.50 2.70
C5' GTP A 1 3.43 -6.16 2.32
C4' GTP A 1 4.83 -5.56 2.20
O4' GTP A 1 5.30 -5.60 0.87
C3' GTP A 1 4.92 -4.10 2.61
O3' GTP A 1 4.98 -3.94 4.00
C2' GTP A 1 6.19 -3.66 1.91
O2' GTP A 1 7.30 -3.83 2.77
C1' GTP A 1 6.27 -4.58 0.70
N9 GTP A 1 5.97 -3.80 -0.52
C8 GTP A 1 4.97 -4.04 -1.42
N7 GTP A 1 5.04 -3.10 -2.39
C5 GTP A 1 6.06 -2.26 -2.12
C6 GTP A 1 6.57 -1.15 -2.77
O6 GTP A 1 6.05 -0.76 -3.81
N1 GTP A 1 7.65 -0.49 -2.23
C2 GTP A 1 8.23 -0.93 -1.06
N2 GTP A 1 9.27 -0.29 -0.55
N3 GTP A 1 7.72 -2.04 -0.42
C4 GTP A 1 6.65 -2.69 -0.95
H4' GTP A 1 5.50 -6.14 2.83
H3' GTP A 1 4.07 -3.55 2.19
H2' GTP A 1 6.09 -2.63 1.59
HO2' GTP A 1 7.91 -4.50 2.39
H1' GTP A 1 7.27 -5.00 0.63
H8 GTP A 1 4.25 -4.86 -1.37
HN1 GTP A 1 8.03 0.35 -2.72
HN21 GTP A 1 9.70 -0.62 0.32
HN22 GTP A 1 9.65 0.52 -1.02
N1 PRF B . -9.42 10.86 -1.36
C2 PRF B . -8.92 9.82 -0.55
N3 PRF B . -9.36 8.53 -0.68
C4 PRF B . -10.33 8.18 -1.62
C5 PRF B . -10.88 9.22 -2.47
C6 PRF B . -10.38 10.58 -2.32
O6 PRF B . -10.87 11.60 -3.11
C7 PRF B . -11.84 8.56 -3.34
C10 PRF B . -12.66 9.21 -4.40
N11 PRF B . -13.37 10.35 -3.83
C8 PRF B . -11.85 7.21 -2.98
N9 PRF B . -10.95 7.00 -1.96
N2 PRF B . -7.91 10.12 0.45
H91 PRF B . -9.11 11.71 -1.25
H101 PRF B . -13.30 8.58 -4.76
H102 PRF B . -12.09 9.53 -5.11
H111 PRF B . -14.27 10.21 -3.91
H112 PRF B . -13.14 11.11 -4.29
H81 PRF B . -12.40 6.53 -3.39
HN91 PRF B . -10.79 6.19 -1.57
HN21 PRF B . -7.61 9.47 1.00
HN22 PRF B . -7.59 10.98 0.53
#